data_7R2T
#
_entry.id   7R2T
#
_cell.length_a   60.100
_cell.length_b   61.380
_cell.length_c   145.310
_cell.angle_alpha   90.000
_cell.angle_beta   90.000
_cell.angle_gamma   90.000
#
_symmetry.space_group_name_H-M   'P 21 21 21'
#
loop_
_entity.id
_entity.type
_entity.pdbx_description
1 polymer 'Synaptojanin-2-binding protein,Annexin'
2 polymer 'Vangle2 peptide binding motif with the P-1 phosphrylated'
3 non-polymer 'CALCIUM ION'
4 non-polymer GLYCEROL
5 water water
#
loop_
_entity_poly.entity_id
_entity_poly.type
_entity_poly.pdbx_seq_one_letter_code
_entity_poly.pdbx_strand_id
1 'polypeptide(L)'
;QGSHMDYLVTEEEINLTRGPSGLGFNIVGGTDQQYVSNDSGIYVSRIKENGAAALDGRLQEGDKILSVNGQDLKNLLHQD
AVDLFRNAGYAVSLRVQHRLQVQGSAYGSVKAYTNFDAERDALNIETAIKTKGVDEVTIVNILTNRSNEQRQDIAFAYQR
RTKKELASALKSALSGHLETVILGLLKTPAQYDASELKASMKGLGTDEDSLIEIICSRTNQELQEINRVYKEMYKTDLEK
DIISDTSGDFRKLMVALAKGRRAEDGSVIDYELIDQDARDLYDAGVKRKGTDVPKWISIMTERSVPHLQKVFDRYKSYSP
YDMLESIRKEVKGDLENAFLNLVQCIQNKPLYFADRLYDSMKGKGTRDKVLIRIMVSRSEVDMLKIRSEFKRKYGKSLYY
YIQQDTKGDYQKALLYLCGGDD
;
A
2 'polypeptide(L)' MRLQSET(SEP)V B
#
# COMPACT_ATOMS: atom_id res chain seq x y z
N TYR A 7 -14.93 -1.65 -3.00
CA TYR A 7 -16.21 -1.46 -3.67
C TYR A 7 -17.37 -2.20 -3.02
N LEU A 8 -17.89 -1.67 -1.92
CA LEU A 8 -19.06 -2.25 -1.26
C LEU A 8 -20.32 -1.63 -1.85
N VAL A 9 -21.28 -2.48 -2.22
CA VAL A 9 -22.51 -2.05 -2.84
C VAL A 9 -23.66 -2.34 -1.89
N THR A 10 -24.43 -1.30 -1.56
CA THR A 10 -25.65 -1.45 -0.78
C THR A 10 -26.76 -0.65 -1.47
N GLU A 11 -27.91 -1.28 -1.68
CA GLU A 11 -29.08 -0.61 -2.24
C GLU A 11 -29.92 0.03 -1.14
N GLU A 12 -30.71 1.03 -1.53
CA GLU A 12 -31.55 1.76 -0.60
C GLU A 12 -32.62 2.54 -1.36
N GLU A 13 -33.74 2.79 -0.69
CA GLU A 13 -34.75 3.72 -1.17
C GLU A 13 -34.60 5.04 -0.44
N ILE A 14 -35.02 6.12 -1.11
CA ILE A 14 -35.02 7.48 -0.56
C ILE A 14 -36.32 8.18 -0.95
N ASN A 15 -36.94 8.86 0.01
CA ASN A 15 -38.23 9.53 -0.15
C ASN A 15 -37.96 11.03 -0.18
N LEU A 16 -38.09 11.64 -1.37
CA LEU A 16 -37.86 13.07 -1.54
C LEU A 16 -39.16 13.78 -1.87
N THR A 17 -39.41 14.90 -1.20
CA THR A 17 -40.42 15.85 -1.64
C THR A 17 -39.71 16.92 -2.46
N ARG A 18 -40.10 17.03 -3.73
CA ARG A 18 -39.50 17.99 -4.65
C ARG A 18 -39.25 19.32 -3.95
N GLY A 19 -38.03 19.83 -4.09
CA GLY A 19 -37.68 21.15 -3.62
C GLY A 19 -38.34 22.22 -4.47
N PRO A 20 -37.82 23.47 -4.38
CA PRO A 20 -38.47 24.58 -5.11
C PRO A 20 -38.51 24.35 -6.61
N SER A 21 -37.33 24.34 -7.23
CA SER A 21 -37.15 23.96 -8.63
C SER A 21 -36.43 22.62 -8.75
N GLY A 22 -37.02 21.55 -8.24
CA GLY A 22 -36.53 20.20 -8.52
C GLY A 22 -36.08 19.48 -7.26
N LEU A 23 -35.50 18.29 -7.49
CA LEU A 23 -35.08 17.43 -6.39
C LEU A 23 -33.76 17.87 -5.76
N GLY A 24 -32.96 18.66 -6.46
CA GLY A 24 -31.71 19.14 -5.93
C GLY A 24 -30.50 18.30 -6.26
N PHE A 25 -30.47 17.64 -7.43
CA PHE A 25 -29.23 17.02 -7.86
C PHE A 25 -29.20 16.92 -9.37
N ASN A 26 -28.00 16.68 -9.89
CA ASN A 26 -27.71 16.51 -11.29
C ASN A 26 -27.39 15.05 -11.57
N ILE A 27 -27.75 14.57 -12.76
CA ILE A 27 -27.49 13.18 -13.11
C ILE A 27 -26.70 13.12 -14.40
N VAL A 28 -25.88 12.05 -14.51
CA VAL A 28 -25.06 11.79 -15.69
C VAL A 28 -25.23 10.33 -16.08
N GLY A 29 -24.85 10.04 -17.30
CA GLY A 29 -24.80 8.68 -17.78
C GLY A 29 -25.86 8.39 -18.84
N GLY A 30 -26.04 7.10 -19.11
CA GLY A 30 -26.89 6.62 -20.19
C GLY A 30 -26.15 5.74 -21.17
N THR A 31 -26.88 4.97 -21.97
CA THR A 31 -26.23 4.06 -22.92
C THR A 31 -25.43 4.84 -23.95
N ASP A 32 -25.94 6.00 -24.36
CA ASP A 32 -25.30 6.88 -25.33
C ASP A 32 -24.35 7.88 -24.67
N GLN A 33 -24.23 7.85 -23.35
CA GLN A 33 -23.38 8.76 -22.61
C GLN A 33 -22.72 8.03 -21.44
N GLN A 34 -21.95 7.00 -21.75
CA GLN A 34 -21.37 6.18 -20.70
C GLN A 34 -20.43 7.02 -19.83
N TYR A 35 -20.71 7.05 -18.53
CA TYR A 35 -19.85 7.78 -17.60
C TYR A 35 -18.44 7.18 -17.57
N VAL A 36 -18.34 5.90 -17.24
CA VAL A 36 -17.13 5.12 -17.39
C VAL A 36 -17.43 4.08 -18.47
N SER A 37 -16.37 3.54 -19.08
CA SER A 37 -16.52 2.58 -20.18
C SER A 37 -17.39 1.39 -19.79
N ASN A 38 -18.40 1.13 -20.62
CA ASN A 38 -19.33 0.01 -20.51
C ASN A 38 -20.30 0.14 -19.34
N ASP A 39 -20.57 1.37 -18.89
CA ASP A 39 -21.54 1.61 -17.81
C ASP A 39 -22.63 2.56 -18.30
N SER A 40 -23.82 2.00 -18.57
CA SER A 40 -25.01 2.78 -18.91
C SER A 40 -25.73 3.32 -17.69
N GLY A 41 -25.18 3.13 -16.50
CA GLY A 41 -25.85 3.53 -15.28
C GLY A 41 -26.05 5.02 -15.17
N ILE A 42 -27.08 5.39 -14.43
CA ILE A 42 -27.42 6.77 -14.14
C ILE A 42 -26.91 7.10 -12.74
N TYR A 43 -26.06 8.11 -12.64
CA TYR A 43 -25.35 8.41 -11.40
C TYR A 43 -25.58 9.86 -11.01
N VAL A 44 -25.67 10.12 -9.70
CA VAL A 44 -25.79 11.52 -9.26
C VAL A 44 -24.40 12.14 -9.26
N SER A 45 -24.29 13.30 -9.91
CA SER A 45 -23.01 13.97 -10.02
C SER A 45 -22.87 15.13 -9.02
N ARG A 46 -23.81 16.06 -9.02
CA ARG A 46 -23.83 17.11 -8.04
C ARG A 46 -25.08 16.96 -7.20
N ILE A 47 -24.97 17.21 -5.90
CA ILE A 47 -26.14 17.38 -5.05
C ILE A 47 -26.20 18.85 -4.64
N LYS A 48 -27.35 19.48 -4.90
CA LYS A 48 -27.48 20.93 -4.80
C LYS A 48 -27.15 21.43 -3.41
N GLU A 49 -26.52 22.61 -3.38
CA GLU A 49 -26.21 23.31 -2.14
C GLU A 49 -27.50 23.89 -1.57
N ASN A 50 -28.03 23.24 -0.53
CA ASN A 50 -29.25 23.64 0.17
C ASN A 50 -30.49 23.30 -0.63
N GLY A 51 -30.53 22.10 -1.21
CA GLY A 51 -31.70 21.59 -1.88
C GLY A 51 -32.28 20.40 -1.13
N ALA A 52 -33.44 19.95 -1.60
CA ALA A 52 -34.17 18.89 -0.90
C ALA A 52 -33.36 17.61 -0.81
N ALA A 53 -32.51 17.34 -1.80
CA ALA A 53 -31.72 16.12 -1.77
C ALA A 53 -30.69 16.14 -0.64
N ALA A 54 -30.01 17.28 -0.45
CA ALA A 54 -29.08 17.41 0.67
C ALA A 54 -29.80 17.29 2.01
N LEU A 55 -31.06 17.75 2.08
CA LEU A 55 -31.78 17.77 3.34
C LEU A 55 -32.09 16.34 3.81
N ASP A 56 -32.67 15.53 2.95
CA ASP A 56 -32.84 14.12 3.29
C ASP A 56 -31.49 13.44 3.53
N GLY A 57 -30.40 14.02 3.03
CA GLY A 57 -29.10 13.42 3.16
C GLY A 57 -28.99 12.18 2.30
N ARG A 58 -29.06 11.01 2.95
CA ARG A 58 -28.98 9.68 2.34
C ARG A 58 -28.24 9.66 1.01
N LEU A 59 -28.83 10.26 -0.03
CA LEU A 59 -28.19 10.38 -1.33
C LEU A 59 -26.79 10.99 -1.20
N GLN A 60 -25.85 10.48 -2.01
CA GLN A 60 -24.45 10.87 -1.94
C GLN A 60 -23.91 11.02 -3.35
N GLU A 61 -23.19 12.11 -3.58
CA GLU A 61 -22.53 12.35 -4.87
C GLU A 61 -21.80 11.10 -5.35
N GLY A 62 -22.46 10.27 -6.15
CA GLY A 62 -21.83 9.08 -6.68
C GLY A 62 -22.77 7.90 -6.77
N ASP A 63 -23.93 7.97 -6.10
CA ASP A 63 -24.86 6.86 -6.10
C ASP A 63 -25.26 6.47 -7.52
N LYS A 64 -25.76 5.24 -7.65
CA LYS A 64 -26.31 4.77 -8.92
C LYS A 64 -27.83 4.72 -8.79
N ILE A 65 -28.53 5.44 -9.68
CA ILE A 65 -29.98 5.40 -9.68
C ILE A 65 -30.42 4.16 -10.44
N LEU A 66 -31.22 3.32 -9.79
CA LEU A 66 -31.74 2.13 -10.45
C LEU A 66 -33.22 2.20 -10.72
N SER A 67 -33.97 2.93 -9.90
CA SER A 67 -35.40 3.02 -10.11
C SER A 67 -35.86 4.41 -9.73
N VAL A 68 -36.83 4.92 -10.48
CA VAL A 68 -37.53 6.15 -10.15
C VAL A 68 -39.01 5.81 -10.09
N ASN A 69 -39.61 5.95 -8.90
CA ASN A 69 -41.03 5.64 -8.71
C ASN A 69 -41.37 4.27 -9.28
N GLY A 70 -40.51 3.29 -9.00
CA GLY A 70 -40.72 1.93 -9.47
C GLY A 70 -40.25 1.64 -10.89
N GLN A 71 -39.91 2.66 -11.68
CA GLN A 71 -39.49 2.44 -13.06
C GLN A 71 -37.97 2.36 -13.12
N ASP A 72 -37.47 1.29 -13.72
CA ASP A 72 -36.05 0.97 -13.65
C ASP A 72 -35.24 1.81 -14.63
N LEU A 73 -33.98 2.08 -14.27
CA LEU A 73 -33.08 2.92 -15.05
C LEU A 73 -31.98 2.11 -15.74
N LYS A 74 -32.21 0.82 -15.96
CA LYS A 74 -31.23 -0.04 -16.62
C LYS A 74 -31.24 0.19 -18.12
N ASN A 75 -30.06 0.46 -18.68
CA ASN A 75 -29.88 0.60 -20.14
C ASN A 75 -30.86 1.61 -20.74
N LEU A 76 -30.78 2.84 -20.25
CA LEU A 76 -31.55 3.89 -20.91
C LEU A 76 -30.62 4.91 -21.54
N LEU A 77 -31.09 5.51 -22.63
CA LEU A 77 -30.41 6.69 -23.11
C LEU A 77 -30.52 7.77 -22.05
N HIS A 78 -29.54 8.68 -22.07
CA HIS A 78 -29.56 9.81 -21.14
C HIS A 78 -30.96 10.42 -21.09
N GLN A 79 -31.52 10.77 -22.24
CA GLN A 79 -32.76 11.54 -22.27
C GLN A 79 -33.92 10.79 -21.63
N ASP A 80 -34.04 9.49 -21.90
CA ASP A 80 -35.14 8.76 -21.30
C ASP A 80 -35.04 8.74 -19.78
N ALA A 81 -33.82 8.75 -19.24
CA ALA A 81 -33.72 8.79 -17.78
C ALA A 81 -34.09 10.17 -17.26
N VAL A 82 -33.60 11.22 -17.92
CA VAL A 82 -34.02 12.57 -17.55
C VAL A 82 -35.55 12.67 -17.59
N ASP A 83 -36.18 12.15 -18.64
CA ASP A 83 -37.63 12.28 -18.77
C ASP A 83 -38.37 11.66 -17.60
N LEU A 84 -37.94 10.48 -17.15
CA LEU A 84 -38.60 9.84 -16.01
C LEU A 84 -38.62 10.77 -14.80
N PHE A 85 -37.52 11.50 -14.60
CA PHE A 85 -37.46 12.45 -13.50
C PHE A 85 -38.39 13.64 -13.76
N ARG A 86 -38.39 14.17 -14.98
CA ARG A 86 -39.16 15.38 -15.18
C ARG A 86 -40.64 15.11 -15.29
N ASN A 87 -41.06 13.92 -15.69
CA ASN A 87 -42.47 13.56 -15.73
C ASN A 87 -42.95 12.89 -14.43
N ALA A 88 -42.24 13.07 -13.31
CA ALA A 88 -42.63 12.52 -12.01
C ALA A 88 -43.44 13.53 -11.21
N GLY A 89 -44.02 13.04 -10.12
CA GLY A 89 -44.76 13.91 -9.22
C GLY A 89 -43.84 14.76 -8.37
N TYR A 90 -44.44 15.41 -7.36
CA TYR A 90 -43.63 16.10 -6.37
C TYR A 90 -43.14 15.15 -5.27
N ALA A 91 -43.75 13.99 -5.14
CA ALA A 91 -43.34 12.98 -4.17
C ALA A 91 -42.59 11.90 -4.95
N VAL A 92 -41.28 11.81 -4.75
CA VAL A 92 -40.43 10.94 -5.54
C VAL A 92 -39.70 9.97 -4.62
N SER A 93 -39.85 8.68 -4.87
CA SER A 93 -39.06 7.65 -4.21
C SER A 93 -38.23 6.89 -5.24
N LEU A 94 -36.95 6.76 -4.97
CA LEU A 94 -36.02 6.16 -5.90
C LEU A 94 -35.19 5.09 -5.21
N ARG A 95 -34.79 4.08 -5.98
CA ARG A 95 -33.87 3.08 -5.46
C ARG A 95 -32.46 3.46 -5.90
N VAL A 96 -31.61 3.72 -4.92
CA VAL A 96 -30.22 4.07 -5.13
C VAL A 96 -29.35 2.92 -4.65
N GLN A 97 -28.18 2.79 -5.27
CA GLN A 97 -27.15 1.88 -4.79
C GLN A 97 -25.95 2.73 -4.41
N HIS A 98 -25.74 2.88 -3.10
CA HIS A 98 -24.49 3.43 -2.60
C HIS A 98 -23.35 2.50 -2.94
N ARG A 99 -22.22 3.08 -3.36
CA ARG A 99 -21.13 2.32 -3.93
C ARG A 99 -19.81 2.77 -3.31
N LEU A 100 -19.72 2.65 -1.99
CA LEU A 100 -18.48 2.97 -1.29
C LEU A 100 -17.42 1.94 -1.64
N GLN A 101 -16.20 2.41 -1.88
CA GLN A 101 -15.04 1.55 -2.09
C GLN A 101 -13.98 1.89 -1.06
N VAL A 102 -13.43 0.86 -0.44
CA VAL A 102 -12.42 1.00 0.61
C VAL A 102 -11.15 0.34 0.15
N GLN A 103 -10.03 1.00 0.40
CA GLN A 103 -8.71 0.51 0.02
C GLN A 103 -8.17 -0.37 1.13
N GLY A 104 -7.08 -1.07 0.82
CA GLY A 104 -6.53 -2.08 1.71
C GLY A 104 -6.36 -1.58 3.13
N SER A 105 -5.44 -0.65 3.31
CA SER A 105 -5.21 -0.03 4.61
C SER A 105 -5.89 1.32 4.65
N ALA A 106 -6.28 1.74 5.85
CA ALA A 106 -6.71 3.11 6.03
C ALA A 106 -5.52 4.05 6.09
N TYR A 107 -4.32 3.53 6.36
CA TYR A 107 -3.13 4.34 6.61
C TYR A 107 -2.17 4.38 5.43
N GLY A 108 -2.55 3.84 4.27
CA GLY A 108 -1.78 4.07 3.07
C GLY A 108 -1.98 5.48 2.52
N SER A 109 -1.00 5.94 1.76
CA SER A 109 -1.08 7.25 1.12
C SER A 109 -1.72 7.18 -0.26
N VAL A 110 -1.38 6.20 -1.08
CA VAL A 110 -1.97 6.09 -2.41
C VAL A 110 -3.30 5.34 -2.28
N LYS A 111 -4.39 6.01 -2.68
CA LYS A 111 -5.74 5.47 -2.61
C LYS A 111 -6.23 5.12 -4.01
N ALA A 112 -7.15 4.14 -4.08
CA ALA A 112 -7.82 3.82 -5.34
C ALA A 112 -8.62 5.02 -5.84
N TYR A 113 -8.40 5.41 -7.10
CA TYR A 113 -9.07 6.58 -7.64
C TYR A 113 -10.55 6.32 -7.91
N THR A 114 -11.40 7.19 -7.38
CA THR A 114 -12.84 6.91 -7.31
C THR A 114 -13.50 6.90 -8.69
N ASN A 115 -13.06 7.75 -9.62
CA ASN A 115 -13.61 7.78 -10.97
C ASN A 115 -12.70 7.02 -11.94
N PHE A 116 -12.55 5.72 -11.69
CA PHE A 116 -11.54 4.92 -12.38
C PHE A 116 -12.07 4.35 -13.69
N ASP A 117 -11.26 4.45 -14.74
CA ASP A 117 -11.56 3.87 -16.05
C ASP A 117 -10.26 3.32 -16.62
N ALA A 118 -10.16 2.00 -16.71
CA ALA A 118 -8.89 1.39 -17.05
C ALA A 118 -8.45 1.75 -18.47
N GLU A 119 -9.38 1.66 -19.44
CA GLU A 119 -8.98 1.89 -20.83
C GLU A 119 -8.62 3.35 -21.07
N ARG A 120 -9.36 4.28 -20.47
CA ARG A 120 -9.02 5.69 -20.66
C ARG A 120 -7.59 5.97 -20.20
N ASP A 121 -7.29 5.64 -18.94
CA ASP A 121 -5.95 5.82 -18.40
C ASP A 121 -4.89 5.26 -19.35
N ALA A 122 -5.02 3.98 -19.71
CA ALA A 122 -4.09 3.35 -20.64
C ALA A 122 -3.85 4.19 -21.89
N LEU A 123 -4.86 4.91 -22.35
CA LEU A 123 -4.72 5.64 -23.61
C LEU A 123 -3.84 6.88 -23.44
N ASN A 124 -4.08 7.67 -22.40
CA ASN A 124 -3.22 8.84 -22.17
C ASN A 124 -1.78 8.45 -21.94
N ILE A 125 -1.54 7.30 -21.29
CA ILE A 125 -0.17 6.83 -21.13
C ILE A 125 0.47 6.57 -22.48
N GLU A 126 -0.26 5.90 -23.38
CA GLU A 126 0.23 5.71 -24.74
C GLU A 126 0.54 7.04 -25.40
N THR A 127 -0.28 8.06 -25.13
CA THR A 127 0.00 9.38 -25.67
C THR A 127 1.33 9.90 -25.16
N ALA A 128 1.54 9.81 -23.84
CA ALA A 128 2.78 10.30 -23.24
C ALA A 128 3.98 9.49 -23.68
N ILE A 129 3.81 8.21 -24.00
CA ILE A 129 4.93 7.49 -24.60
C ILE A 129 5.10 7.88 -26.06
N LYS A 130 3.99 7.89 -26.81
CA LYS A 130 4.04 8.19 -28.24
C LYS A 130 4.16 9.70 -28.46
N THR A 131 5.08 10.35 -27.75
CA THR A 131 5.24 11.78 -27.82
C THR A 131 6.71 12.13 -27.87
N LYS A 132 7.07 13.05 -28.77
CA LYS A 132 8.44 13.52 -28.88
C LYS A 132 8.91 14.09 -27.55
N GLY A 133 10.05 13.59 -27.06
CA GLY A 133 10.54 13.91 -25.74
C GLY A 133 9.89 13.15 -24.60
N VAL A 134 8.75 12.49 -24.86
CA VAL A 134 7.86 11.80 -23.91
C VAL A 134 7.46 12.69 -22.73
N ASP A 135 6.18 12.66 -22.37
CA ASP A 135 5.65 13.46 -21.27
C ASP A 135 5.73 12.64 -19.98
N GLU A 136 6.90 12.71 -19.34
CA GLU A 136 7.13 12.00 -18.09
C GLU A 136 6.20 12.48 -16.97
N VAL A 137 5.59 13.65 -17.13
CA VAL A 137 4.79 14.20 -16.04
C VAL A 137 3.43 13.52 -15.97
N THR A 138 2.73 13.40 -17.10
CA THR A 138 1.41 12.82 -17.07
C THR A 138 1.47 11.34 -16.71
N ILE A 139 2.54 10.65 -17.11
CA ILE A 139 2.74 9.28 -16.66
C ILE A 139 2.75 9.22 -15.13
N VAL A 140 3.54 10.08 -14.51
CA VAL A 140 3.59 10.11 -13.05
C VAL A 140 2.21 10.43 -12.49
N ASN A 141 1.53 11.42 -13.09
CA ASN A 141 0.30 11.96 -12.52
C ASN A 141 -0.79 10.91 -12.41
N ILE A 142 -0.78 9.92 -13.28
CA ILE A 142 -1.79 8.86 -13.22
C ILE A 142 -1.29 7.65 -12.46
N LEU A 143 -0.03 7.24 -12.69
CA LEU A 143 0.44 6.02 -12.04
C LEU A 143 0.52 6.19 -10.53
N THR A 144 1.06 7.31 -10.05
CA THR A 144 1.17 7.46 -8.59
C THR A 144 -0.18 7.75 -7.95
N ASN A 145 -1.19 8.15 -8.73
CA ASN A 145 -2.53 8.35 -8.17
C ASN A 145 -3.43 7.14 -8.40
N ARG A 146 -2.98 6.14 -9.15
CA ARG A 146 -3.75 4.92 -9.24
C ARG A 146 -3.25 3.87 -8.25
N SER A 147 -4.18 3.08 -7.75
CA SER A 147 -3.86 1.99 -6.84
C SER A 147 -3.06 0.91 -7.59
N ASN A 148 -2.35 0.06 -6.83
CA ASN A 148 -1.55 -0.98 -7.46
C ASN A 148 -2.41 -1.89 -8.32
N GLU A 149 -3.61 -2.22 -7.85
CA GLU A 149 -4.53 -3.06 -8.61
C GLU A 149 -5.11 -2.29 -9.79
N GLN A 150 -5.35 -0.98 -9.62
CA GLN A 150 -5.69 -0.16 -10.78
C GLN A 150 -4.56 -0.17 -11.80
N ARG A 151 -3.30 -0.14 -11.32
CA ARG A 151 -2.16 -0.22 -12.23
C ARG A 151 -2.18 -1.52 -13.03
N GLN A 152 -2.49 -2.64 -12.36
CA GLN A 152 -2.60 -3.90 -13.06
C GLN A 152 -3.56 -3.78 -14.24
N ASP A 153 -4.75 -3.22 -13.99
CA ASP A 153 -5.75 -3.10 -15.04
C ASP A 153 -5.28 -2.15 -16.14
N ILE A 154 -4.55 -1.10 -15.77
CA ILE A 154 -3.96 -0.24 -16.78
C ILE A 154 -3.05 -1.06 -17.70
N ALA A 155 -2.14 -1.83 -17.11
CA ALA A 155 -1.24 -2.66 -17.89
C ALA A 155 -2.02 -3.59 -18.82
N PHE A 156 -3.08 -4.24 -18.31
CA PHE A 156 -3.87 -5.17 -19.11
C PHE A 156 -4.47 -4.48 -20.33
N ALA A 157 -5.12 -3.34 -20.12
CA ALA A 157 -5.66 -2.57 -21.24
C ALA A 157 -4.54 -2.10 -22.17
N TYR A 158 -3.37 -1.78 -21.61
CA TYR A 158 -2.25 -1.36 -22.47
C TYR A 158 -1.80 -2.49 -23.38
N GLN A 159 -1.56 -3.68 -22.81
CA GLN A 159 -1.31 -4.89 -23.59
C GLN A 159 -2.29 -5.01 -24.74
N ARG A 160 -3.59 -4.81 -24.45
CA ARG A 160 -4.61 -4.98 -25.49
C ARG A 160 -4.46 -3.94 -26.61
N ARG A 161 -4.28 -2.66 -26.26
CA ARG A 161 -4.30 -1.61 -27.28
C ARG A 161 -3.01 -1.53 -28.09
N THR A 162 -1.91 -2.10 -27.59
CA THR A 162 -0.62 -1.99 -28.26
C THR A 162 -0.01 -3.33 -28.64
N LYS A 163 -0.44 -4.43 -28.03
CA LYS A 163 0.20 -5.74 -28.10
C LYS A 163 1.57 -5.75 -27.41
N LYS A 164 2.15 -4.58 -27.20
CA LYS A 164 3.25 -4.42 -26.28
C LYS A 164 2.69 -4.15 -24.89
N GLU A 165 3.41 -4.62 -23.86
CA GLU A 165 2.99 -4.44 -22.48
C GLU A 165 3.45 -3.09 -21.93
N LEU A 166 2.74 -2.61 -20.92
CA LEU A 166 3.04 -1.29 -20.35
C LEU A 166 4.50 -1.17 -19.92
N ALA A 167 5.00 -2.16 -19.16
CA ALA A 167 6.29 -2.00 -18.51
C ALA A 167 7.43 -1.84 -19.51
N SER A 168 7.41 -2.60 -20.61
CA SER A 168 8.57 -2.53 -21.47
C SER A 168 8.52 -1.35 -22.42
N ALA A 169 7.39 -0.66 -22.47
CA ALA A 169 7.33 0.65 -23.12
C ALA A 169 7.83 1.76 -22.21
N LEU A 170 7.59 1.66 -20.90
CA LEU A 170 8.18 2.63 -20.00
C LEU A 170 9.66 2.39 -19.81
N LYS A 171 10.10 1.12 -19.89
CA LYS A 171 11.52 0.82 -19.79
C LYS A 171 12.31 1.48 -20.92
N SER A 172 11.71 1.63 -22.11
CA SER A 172 12.38 2.38 -23.18
C SER A 172 12.19 3.89 -23.04
N ALA A 173 11.06 4.34 -22.51
CA ALA A 173 10.72 5.77 -22.51
C ALA A 173 11.08 6.49 -21.22
N LEU A 174 11.64 5.78 -20.23
CA LEU A 174 12.04 6.39 -18.97
C LEU A 174 13.49 6.01 -18.67
N SER A 175 14.11 6.75 -17.75
CA SER A 175 15.49 6.48 -17.38
C SER A 175 15.73 7.01 -15.97
N GLY A 176 16.92 6.71 -15.45
CA GLY A 176 17.33 7.19 -14.16
C GLY A 176 16.47 6.72 -13.01
N HIS A 177 16.59 7.45 -11.90
CA HIS A 177 15.86 7.10 -10.69
C HIS A 177 14.36 7.08 -10.92
N LEU A 178 13.88 7.93 -11.85
CA LEU A 178 12.47 7.96 -12.19
C LEU A 178 12.00 6.60 -12.71
N GLU A 179 12.77 6.00 -13.60
CA GLU A 179 12.43 4.70 -14.15
C GLU A 179 12.23 3.67 -13.06
N THR A 180 13.17 3.61 -12.11
CA THR A 180 13.10 2.63 -11.03
C THR A 180 11.76 2.70 -10.31
N VAL A 181 11.37 3.90 -9.91
CA VAL A 181 10.10 4.08 -9.20
C VAL A 181 8.93 3.57 -10.03
N ILE A 182 8.82 4.03 -11.29
CA ILE A 182 7.64 3.67 -12.08
C ILE A 182 7.56 2.16 -12.25
N LEU A 183 8.67 1.53 -12.67
CA LEU A 183 8.67 0.08 -12.82
C LEU A 183 8.29 -0.60 -11.51
N GLY A 184 8.82 -0.12 -10.38
CA GLY A 184 8.49 -0.73 -9.11
C GLY A 184 7.02 -0.64 -8.78
N LEU A 185 6.38 0.49 -9.13
CA LEU A 185 4.94 0.62 -8.92
C LEU A 185 4.14 -0.30 -9.86
N LEU A 186 4.71 -0.64 -11.03
CA LEU A 186 4.03 -1.56 -11.94
C LEU A 186 4.04 -2.99 -11.42
N LYS A 187 4.83 -3.29 -10.40
CA LYS A 187 4.98 -4.65 -9.93
C LYS A 187 4.14 -4.85 -8.68
N THR A 188 3.32 -5.91 -8.68
CA THR A 188 2.55 -6.31 -7.52
C THR A 188 3.43 -6.42 -6.29
N PRO A 189 2.88 -6.24 -5.08
CA PRO A 189 3.72 -6.27 -3.88
C PRO A 189 4.59 -7.51 -3.75
N ALA A 190 4.13 -8.64 -4.28
CA ALA A 190 4.93 -9.86 -4.21
C ALA A 190 6.07 -9.81 -5.22
N GLN A 191 5.76 -9.40 -6.46
CA GLN A 191 6.77 -9.26 -7.50
C GLN A 191 7.88 -8.30 -7.08
N TYR A 192 7.50 -7.11 -6.60
CA TYR A 192 8.48 -6.12 -6.23
C TYR A 192 9.40 -6.62 -5.12
N ASP A 193 8.80 -7.19 -4.06
CA ASP A 193 9.59 -7.77 -2.97
C ASP A 193 10.46 -8.91 -3.47
N ALA A 194 9.88 -9.85 -4.23
CA ALA A 194 10.68 -10.91 -4.82
C ALA A 194 11.85 -10.36 -5.63
N SER A 195 11.59 -9.30 -6.42
CA SER A 195 12.64 -8.69 -7.25
C SER A 195 13.73 -8.07 -6.38
N GLU A 196 13.36 -7.17 -5.45
CA GLU A 196 14.36 -6.62 -4.55
C GLU A 196 15.15 -7.72 -3.84
N LEU A 197 14.47 -8.83 -3.50
CA LEU A 197 15.14 -9.94 -2.84
C LEU A 197 16.14 -10.63 -3.76
N LYS A 198 15.72 -10.99 -4.97
CA LYS A 198 16.67 -11.51 -5.95
C LYS A 198 17.79 -10.50 -6.19
N ALA A 199 17.46 -9.21 -6.16
CA ALA A 199 18.49 -8.19 -6.36
C ALA A 199 19.50 -8.24 -5.22
N SER A 200 19.02 -8.53 -4.02
CA SER A 200 19.88 -8.50 -2.84
C SER A 200 20.98 -9.56 -2.92
N MET A 201 20.62 -10.78 -3.29
CA MET A 201 21.54 -11.90 -3.21
C MET A 201 22.44 -12.05 -4.43
N LYS A 202 22.04 -11.48 -5.57
CA LYS A 202 22.83 -11.60 -6.79
C LYS A 202 24.08 -10.73 -6.73
N GLY A 203 24.89 -10.91 -5.69
CA GLY A 203 26.15 -10.21 -5.53
C GLY A 203 27.26 -11.04 -4.90
N LEU A 204 26.90 -12.17 -4.29
CA LEU A 204 27.82 -13.09 -3.60
C LEU A 204 28.24 -12.51 -2.25
N GLY A 205 28.45 -11.19 -2.20
CA GLY A 205 28.65 -10.47 -0.96
C GLY A 205 27.33 -10.03 -0.35
N THR A 206 26.32 -9.85 -1.20
CA THR A 206 24.89 -9.77 -0.84
C THR A 206 24.51 -8.51 -0.07
N ASP A 207 23.41 -7.88 -0.48
CA ASP A 207 22.88 -6.66 0.15
C ASP A 207 22.15 -7.03 1.44
N GLU A 208 22.95 -7.38 2.47
CA GLU A 208 22.38 -7.84 3.73
C GLU A 208 21.35 -6.86 4.26
N ASP A 209 21.66 -5.57 4.19
CA ASP A 209 20.83 -4.56 4.80
C ASP A 209 19.44 -4.53 4.17
N SER A 210 19.36 -4.72 2.85
CA SER A 210 18.06 -4.80 2.18
C SER A 210 17.33 -6.12 2.48
N LEU A 211 18.02 -7.24 2.36
CA LEU A 211 17.45 -8.52 2.77
C LEU A 211 16.89 -8.45 4.19
N ILE A 212 17.69 -7.93 5.13
CA ILE A 212 17.20 -7.75 6.49
C ILE A 212 15.93 -6.91 6.50
N GLU A 213 15.93 -5.83 5.71
CA GLU A 213 14.78 -4.94 5.68
C GLU A 213 13.52 -5.67 5.26
N ILE A 214 13.56 -6.37 4.13
CA ILE A 214 12.33 -6.99 3.66
C ILE A 214 11.91 -8.13 4.59
N ILE A 215 12.85 -9.03 4.87
CA ILE A 215 12.53 -10.25 5.60
C ILE A 215 12.16 -9.94 7.05
N CYS A 216 12.71 -8.89 7.65
CA CYS A 216 12.26 -8.52 8.99
C CYS A 216 10.92 -7.81 9.01
N SER A 217 10.48 -7.21 7.90
CA SER A 217 9.28 -6.38 7.94
C SER A 217 8.04 -7.03 7.32
N ARG A 218 8.18 -8.08 6.51
CA ARG A 218 7.00 -8.67 5.88
C ARG A 218 6.27 -9.63 6.83
N THR A 219 4.96 -9.73 6.63
CA THR A 219 4.09 -10.59 7.43
C THR A 219 3.99 -11.99 6.82
N ASN A 220 3.34 -12.90 7.56
CA ASN A 220 3.05 -14.22 7.03
C ASN A 220 2.40 -14.14 5.66
N GLN A 221 1.29 -13.38 5.58
CA GLN A 221 0.57 -13.25 4.32
C GLN A 221 1.49 -12.77 3.22
N GLU A 222 2.24 -11.70 3.47
CA GLU A 222 3.13 -11.18 2.44
C GLU A 222 4.23 -12.17 2.09
N LEU A 223 4.83 -12.79 3.11
CA LEU A 223 5.97 -13.65 2.86
C LEU A 223 5.57 -14.89 2.07
N GLN A 224 4.43 -15.48 2.42
CA GLN A 224 3.99 -16.66 1.68
C GLN A 224 3.69 -16.31 0.25
N GLU A 225 3.16 -15.10 0.01
CA GLU A 225 2.95 -14.65 -1.36
C GLU A 225 4.27 -14.45 -2.09
N ILE A 226 5.23 -13.78 -1.43
CA ILE A 226 6.56 -13.67 -2.00
C ILE A 226 7.13 -15.05 -2.30
N ASN A 227 7.05 -15.96 -1.34
CA ASN A 227 7.68 -17.26 -1.53
C ASN A 227 7.14 -17.96 -2.76
N ARG A 228 5.82 -17.90 -2.97
CA ARG A 228 5.25 -18.55 -4.15
C ARG A 228 5.69 -17.84 -5.43
N VAL A 229 5.51 -16.52 -5.49
CA VAL A 229 5.86 -15.78 -6.71
C VAL A 229 7.37 -15.86 -6.96
N TYR A 230 8.18 -15.82 -5.90
CA TYR A 230 9.62 -16.05 -6.05
C TYR A 230 9.88 -17.35 -6.82
N LYS A 231 9.21 -18.43 -6.41
CA LYS A 231 9.31 -19.72 -7.09
C LYS A 231 8.98 -19.60 -8.58
N GLU A 232 8.07 -18.70 -8.94
CA GLU A 232 7.61 -18.63 -10.32
C GLU A 232 8.54 -17.78 -11.19
N MET A 233 9.15 -16.75 -10.60
CA MET A 233 9.97 -15.83 -11.39
C MET A 233 11.37 -16.36 -11.64
N TYR A 234 11.95 -17.07 -10.69
CA TYR A 234 13.34 -17.46 -10.78
C TYR A 234 13.58 -18.96 -10.65
N LYS A 235 12.52 -19.76 -10.55
CA LYS A 235 12.59 -21.22 -10.62
C LYS A 235 13.49 -21.80 -9.53
N THR A 236 13.62 -21.05 -8.43
CA THR A 236 14.30 -21.49 -7.22
C THR A 236 13.38 -21.23 -6.05
N ASP A 237 13.57 -21.99 -4.98
CA ASP A 237 12.94 -21.65 -3.72
C ASP A 237 13.75 -20.54 -3.06
N LEU A 238 13.08 -19.43 -2.71
CA LEU A 238 13.76 -18.32 -2.07
C LEU A 238 14.57 -18.79 -0.87
N GLU A 239 13.99 -19.69 -0.09
CA GLU A 239 14.72 -20.33 1.01
C GLU A 239 16.08 -20.84 0.54
N LYS A 240 16.13 -21.47 -0.65
CA LYS A 240 17.40 -22.00 -1.15
C LYS A 240 18.42 -20.89 -1.40
N ASP A 241 17.97 -19.73 -1.89
CA ASP A 241 18.92 -18.65 -2.19
C ASP A 241 19.46 -18.05 -0.90
N ILE A 242 18.59 -17.78 0.06
CA ILE A 242 19.01 -17.30 1.38
C ILE A 242 20.16 -18.16 1.91
N ILE A 243 19.95 -19.49 1.92
CA ILE A 243 20.97 -20.41 2.40
C ILE A 243 22.27 -20.22 1.60
N SER A 244 22.16 -20.03 0.30
CA SER A 244 23.35 -20.01 -0.53
C SER A 244 24.12 -18.69 -0.47
N ASP A 245 23.59 -17.69 0.21
CA ASP A 245 24.22 -16.38 0.21
C ASP A 245 24.36 -15.80 1.61
N THR A 246 24.19 -16.60 2.65
CA THR A 246 24.33 -16.19 4.04
C THR A 246 25.03 -17.32 4.80
N SER A 247 25.30 -17.10 6.09
CA SER A 247 26.03 -18.10 6.86
C SER A 247 25.89 -17.82 8.36
N GLY A 248 26.06 -18.87 9.14
CA GLY A 248 26.04 -18.72 10.58
C GLY A 248 24.62 -18.62 11.12
N ASP A 249 24.48 -17.94 12.25
CA ASP A 249 23.17 -17.75 12.85
C ASP A 249 22.36 -16.69 12.13
N PHE A 250 23.03 -15.83 11.34
CA PHE A 250 22.31 -14.95 10.44
C PHE A 250 21.44 -15.77 9.49
N ARG A 251 22.04 -16.80 8.87
CA ARG A 251 21.29 -17.67 7.98
C ARG A 251 20.08 -18.26 8.69
N LYS A 252 20.31 -18.86 9.87
CA LYS A 252 19.21 -19.43 10.64
C LYS A 252 18.11 -18.39 10.91
N LEU A 253 18.50 -17.19 11.33
CA LEU A 253 17.51 -16.15 11.60
C LEU A 253 16.73 -15.77 10.34
N MET A 254 17.44 -15.59 9.21
CA MET A 254 16.79 -15.15 7.98
C MET A 254 15.90 -16.24 7.42
N VAL A 255 16.44 -17.45 7.31
CA VAL A 255 15.64 -18.54 6.74
C VAL A 255 14.40 -18.80 7.59
N ALA A 256 14.49 -18.63 8.92
CA ALA A 256 13.33 -18.90 9.76
C ALA A 256 12.25 -17.86 9.56
N LEU A 257 12.67 -16.60 9.42
CA LEU A 257 11.72 -15.53 9.15
C LEU A 257 11.08 -15.72 7.79
N ALA A 258 11.89 -16.05 6.77
CA ALA A 258 11.35 -16.05 5.42
C ALA A 258 10.31 -17.13 5.20
N LYS A 259 10.16 -18.06 6.15
CA LYS A 259 9.12 -19.08 6.02
C LYS A 259 7.71 -18.50 6.13
N GLY A 260 7.58 -17.30 6.69
CA GLY A 260 6.26 -16.69 6.76
C GLY A 260 5.30 -17.53 7.55
N ARG A 261 5.82 -18.26 8.53
CA ARG A 261 5.07 -19.22 9.32
C ARG A 261 5.04 -18.81 10.79
N ARG A 262 4.99 -17.51 11.06
CA ARG A 262 4.90 -17.04 12.43
C ARG A 262 3.50 -17.28 12.97
N ALA A 263 3.40 -17.52 14.28
CA ALA A 263 2.10 -17.69 14.94
C ALA A 263 1.21 -16.49 14.69
N GLU A 264 0.00 -16.73 14.18
CA GLU A 264 -0.93 -15.64 13.93
C GLU A 264 -1.56 -15.20 15.24
N ASP A 265 -1.84 -13.89 15.32
N ASP A 265 -1.86 -13.90 15.31
CA ASP A 265 -2.34 -13.30 16.55
CA ASP A 265 -2.35 -13.26 16.52
C ASP A 265 -3.59 -14.00 17.05
C ASP A 265 -3.59 -13.97 17.08
N GLY A 266 -3.43 -14.83 18.08
CA GLY A 266 -4.53 -15.55 18.66
C GLY A 266 -5.54 -14.64 19.36
N SER A 267 -6.51 -15.27 20.01
CA SER A 267 -7.55 -14.52 20.69
C SER A 267 -7.08 -14.11 22.09
N VAL A 268 -6.93 -15.11 22.98
CA VAL A 268 -6.49 -14.86 24.35
C VAL A 268 -5.01 -14.48 24.38
N ILE A 269 -4.69 -13.59 25.31
CA ILE A 269 -3.31 -13.20 25.61
C ILE A 269 -2.73 -14.23 26.58
N ASP A 270 -1.58 -14.80 26.21
CA ASP A 270 -0.92 -15.86 26.98
C ASP A 270 0.10 -15.23 27.93
N TYR A 271 -0.42 -14.73 29.07
CA TYR A 271 0.43 -14.00 30.00
C TYR A 271 1.50 -14.90 30.61
N GLU A 272 1.17 -16.14 30.95
CA GLU A 272 2.19 -17.04 31.44
C GLU A 272 3.31 -17.20 30.42
N LEU A 273 2.98 -17.41 29.15
CA LEU A 273 4.02 -17.56 28.14
C LEU A 273 4.80 -16.26 27.93
N ILE A 274 4.16 -15.11 28.12
CA ILE A 274 4.88 -13.84 28.02
C ILE A 274 5.98 -13.77 29.07
N ASP A 275 5.67 -14.23 30.29
CA ASP A 275 6.66 -14.18 31.35
C ASP A 275 7.75 -15.20 31.11
N GLN A 276 7.37 -16.41 30.73
CA GLN A 276 8.34 -17.44 30.41
C GLN A 276 9.28 -16.97 29.30
N ASP A 277 8.73 -16.42 28.21
CA ASP A 277 9.59 -15.93 27.13
C ASP A 277 10.51 -14.82 27.61
N ALA A 278 10.00 -13.91 28.45
CA ALA A 278 10.84 -12.83 28.95
C ALA A 278 11.99 -13.39 29.76
N ARG A 279 11.68 -14.30 30.70
CA ARG A 279 12.73 -14.95 31.46
C ARG A 279 13.79 -15.56 30.53
N ASP A 280 13.35 -16.26 29.49
CA ASP A 280 14.27 -17.00 28.63
C ASP A 280 15.13 -16.08 27.79
N LEU A 281 14.58 -14.95 27.34
CA LEU A 281 15.43 -14.01 26.60
C LEU A 281 16.51 -13.44 27.51
N TYR A 282 16.14 -13.11 28.76
CA TYR A 282 17.13 -12.65 29.74
C TYR A 282 18.15 -13.73 30.02
N ASP A 283 17.68 -14.95 30.30
CA ASP A 283 18.59 -16.03 30.68
C ASP A 283 19.52 -16.37 29.52
N ALA A 284 18.98 -16.42 28.30
CA ALA A 284 19.78 -16.83 27.16
C ALA A 284 20.84 -15.80 26.78
N GLY A 285 20.73 -14.59 27.30
CA GLY A 285 21.63 -13.54 26.84
C GLY A 285 22.43 -12.85 27.92
N VAL A 286 21.94 -11.68 28.36
CA VAL A 286 22.76 -10.84 29.23
C VAL A 286 23.03 -11.51 30.56
N LYS A 287 22.12 -12.37 31.03
CA LYS A 287 22.33 -13.04 32.30
C LYS A 287 23.42 -14.10 32.21
N ARG A 288 23.75 -14.55 31.00
CA ARG A 288 24.69 -15.63 30.80
C ARG A 288 25.93 -15.13 30.07
N LYS A 289 27.08 -15.71 30.41
CA LYS A 289 28.29 -15.49 29.63
C LYS A 289 28.07 -15.99 28.21
N GLY A 290 28.31 -15.13 27.23
CA GLY A 290 28.00 -15.58 25.89
C GLY A 290 26.51 -15.48 25.65
N THR A 291 26.07 -16.09 24.55
CA THR A 291 24.65 -16.04 24.23
C THR A 291 24.18 -17.34 23.62
N ASP A 292 22.94 -17.73 23.97
CA ASP A 292 22.25 -18.84 23.29
C ASP A 292 21.46 -18.23 22.15
N VAL A 293 22.11 -18.06 21.01
CA VAL A 293 21.45 -17.48 19.83
C VAL A 293 20.21 -18.27 19.43
N PRO A 294 20.26 -19.62 19.30
CA PRO A 294 19.06 -20.36 18.86
C PRO A 294 17.81 -20.08 19.68
N LYS A 295 17.93 -19.93 21.00
CA LYS A 295 16.73 -19.65 21.79
C LYS A 295 16.21 -18.24 21.52
N TRP A 296 17.10 -17.30 21.21
CA TRP A 296 16.62 -16.01 20.72
C TRP A 296 15.85 -16.19 19.41
N ILE A 297 16.43 -16.94 18.45
CA ILE A 297 15.83 -17.10 17.13
C ILE A 297 14.44 -17.73 17.22
N SER A 298 14.28 -18.73 18.11
CA SER A 298 12.99 -19.39 18.25
C SER A 298 11.94 -18.44 18.79
N ILE A 299 12.27 -17.70 19.85
CA ILE A 299 11.25 -16.85 20.45
C ILE A 299 10.87 -15.74 19.49
N MET A 300 11.86 -15.16 18.83
CA MET A 300 11.60 -13.96 18.05
C MET A 300 11.03 -14.28 16.67
N THR A 301 11.21 -15.49 16.15
CA THR A 301 10.59 -15.84 14.89
C THR A 301 9.25 -16.53 15.04
N GLU A 302 9.04 -17.28 16.13
CA GLU A 302 7.86 -18.12 16.27
C GLU A 302 6.66 -17.40 16.85
N ARG A 303 6.86 -16.49 17.80
CA ARG A 303 5.76 -15.89 18.53
C ARG A 303 5.08 -14.79 17.74
N SER A 304 3.80 -14.58 18.00
CA SER A 304 3.09 -13.55 17.28
C SER A 304 3.59 -12.16 17.66
N VAL A 305 3.34 -11.17 16.79
CA VAL A 305 3.83 -9.82 17.04
C VAL A 305 3.25 -9.23 18.33
N PRO A 306 1.94 -9.23 18.58
CA PRO A 306 1.45 -8.62 19.83
C PRO A 306 2.03 -9.30 21.06
N HIS A 307 2.12 -10.63 21.03
CA HIS A 307 2.77 -11.35 22.11
C HIS A 307 4.20 -10.83 22.34
N LEU A 308 4.99 -10.74 21.27
CA LEU A 308 6.37 -10.33 21.43
C LEU A 308 6.48 -8.88 21.92
N GLN A 309 5.61 -7.99 21.45
CA GLN A 309 5.62 -6.64 22.00
C GLN A 309 5.48 -6.70 23.51
N LYS A 310 4.49 -7.44 23.97
CA LYS A 310 4.31 -7.58 25.40
C LYS A 310 5.49 -8.27 26.05
N VAL A 311 6.13 -9.23 25.36
CA VAL A 311 7.27 -9.90 25.97
C VAL A 311 8.38 -8.90 26.22
N PHE A 312 8.64 -8.04 25.24
CA PHE A 312 9.72 -7.06 25.40
C PHE A 312 9.47 -6.12 26.55
N ASP A 313 8.20 -5.79 26.85
CA ASP A 313 7.99 -4.97 28.05
C ASP A 313 8.28 -5.75 29.32
N ARG A 314 7.83 -7.02 29.38
CA ARG A 314 8.08 -7.85 30.55
C ARG A 314 9.56 -8.14 30.72
N TYR A 315 10.32 -8.17 29.62
CA TYR A 315 11.76 -8.29 29.69
C TYR A 315 12.38 -7.18 30.54
N LYS A 316 11.86 -5.96 30.43
CA LYS A 316 12.40 -4.86 31.22
C LYS A 316 12.20 -5.08 32.69
N SER A 317 11.26 -5.96 33.08
CA SER A 317 11.07 -6.17 34.50
C SER A 317 12.23 -6.97 35.08
N TYR A 318 12.88 -7.77 34.25
CA TYR A 318 13.94 -8.66 34.69
C TYR A 318 15.33 -8.17 34.32
N SER A 319 15.44 -7.45 33.22
CA SER A 319 16.71 -7.08 32.64
C SER A 319 17.02 -5.62 32.87
N PRO A 320 18.20 -5.27 33.38
CA PRO A 320 18.56 -3.84 33.51
C PRO A 320 18.70 -3.11 32.19
N TYR A 321 18.73 -3.81 31.07
CA TYR A 321 18.70 -3.18 29.76
C TYR A 321 17.47 -3.65 29.00
N ASP A 322 17.06 -2.86 28.01
CA ASP A 322 15.92 -3.27 27.23
C ASP A 322 16.40 -4.12 26.06
N MET A 323 15.46 -4.53 25.21
CA MET A 323 15.74 -5.59 24.25
C MET A 323 16.79 -5.16 23.23
N LEU A 324 16.61 -3.96 22.64
CA LEU A 324 17.59 -3.44 21.69
C LEU A 324 18.96 -3.29 22.33
N GLU A 325 19.01 -2.62 23.48
CA GLU A 325 20.24 -2.47 24.24
C GLU A 325 20.84 -3.83 24.60
N SER A 326 20.00 -4.85 24.85
CA SER A 326 20.54 -6.19 25.12
C SER A 326 21.11 -6.83 23.85
N ILE A 327 20.54 -6.51 22.69
CA ILE A 327 21.07 -7.05 21.45
C ILE A 327 22.46 -6.49 21.18
N ARG A 328 22.62 -5.17 21.36
CA ARG A 328 23.90 -4.52 21.05
C ARG A 328 25.02 -5.02 21.94
N LYS A 329 24.68 -5.55 23.10
CA LYS A 329 25.71 -6.00 24.02
C LYS A 329 25.87 -7.51 24.00
N GLU A 330 25.28 -8.20 23.04
CA GLU A 330 25.44 -9.65 23.03
C GLU A 330 25.91 -10.18 21.68
N VAL A 331 25.65 -9.45 20.60
CA VAL A 331 26.00 -9.92 19.27
C VAL A 331 26.48 -8.76 18.42
N LYS A 332 27.12 -9.10 17.31
CA LYS A 332 27.74 -8.12 16.43
C LYS A 332 27.41 -8.49 14.99
N GLY A 333 27.78 -7.62 14.07
CA GLY A 333 27.72 -7.94 12.66
C GLY A 333 26.31 -8.03 12.14
N ASP A 334 26.15 -8.82 11.09
CA ASP A 334 24.82 -9.01 10.51
C ASP A 334 23.83 -9.48 11.54
N LEU A 335 24.24 -10.41 12.42
CA LEU A 335 23.31 -10.94 13.41
C LEU A 335 22.79 -9.82 14.30
N GLU A 336 23.69 -8.95 14.77
CA GLU A 336 23.25 -7.80 15.54
C GLU A 336 22.28 -6.98 14.72
N ASN A 337 22.66 -6.70 13.48
CA ASN A 337 21.81 -5.91 12.61
C ASN A 337 20.44 -6.53 12.49
N ALA A 338 20.38 -7.81 12.14
CA ALA A 338 19.08 -8.44 11.94
C ALA A 338 18.22 -8.35 13.20
N PHE A 339 18.82 -8.54 14.37
CA PHE A 339 18.02 -8.50 15.59
C PHE A 339 17.50 -7.11 15.87
N LEU A 340 18.35 -6.07 15.78
CA LEU A 340 17.87 -4.71 16.00
C LEU A 340 16.73 -4.37 15.03
N ASN A 341 16.88 -4.77 13.75
CA ASN A 341 15.81 -4.45 12.81
C ASN A 341 14.53 -5.21 13.12
N LEU A 342 14.65 -6.50 13.45
CA LEU A 342 13.47 -7.27 13.77
C LEU A 342 12.75 -6.70 14.99
N VAL A 343 13.50 -6.27 16.00
CA VAL A 343 12.83 -5.79 17.20
C VAL A 343 12.14 -4.45 16.91
N GLN A 344 12.76 -3.61 16.09
CA GLN A 344 12.11 -2.36 15.75
C GLN A 344 10.80 -2.59 15.01
N CYS A 345 10.81 -3.52 14.04
CA CYS A 345 9.59 -3.86 13.32
C CYS A 345 8.51 -4.40 14.23
N ILE A 346 8.90 -5.17 15.25
CA ILE A 346 7.90 -5.69 16.16
C ILE A 346 7.33 -4.59 17.01
N GLN A 347 8.21 -3.69 17.50
CA GLN A 347 7.79 -2.63 18.43
C GLN A 347 7.03 -1.52 17.73
N ASN A 348 7.59 -0.94 16.67
CA ASN A 348 6.92 0.13 15.92
C ASN A 348 7.37 0.05 14.46
N LYS A 349 6.60 -0.63 13.63
CA LYS A 349 7.04 -0.76 12.25
C LYS A 349 7.05 0.58 11.51
N PRO A 350 6.01 1.41 11.63
CA PRO A 350 6.08 2.74 10.98
C PRO A 350 7.27 3.56 11.43
N LEU A 351 7.61 3.53 12.72
CA LEU A 351 8.83 4.22 13.15
C LEU A 351 10.04 3.60 12.50
N TYR A 352 10.09 2.27 12.42
CA TYR A 352 11.19 1.61 11.73
C TYR A 352 11.40 2.25 10.39
N PHE A 353 10.33 2.35 9.60
CA PHE A 353 10.51 2.86 8.24
C PHE A 353 10.85 4.34 8.25
N ALA A 354 10.27 5.11 9.18
CA ALA A 354 10.64 6.52 9.20
C ALA A 354 12.13 6.70 9.49
N ASP A 355 12.73 5.86 10.36
CA ASP A 355 14.16 5.96 10.62
C ASP A 355 15.00 5.53 9.41
N ARG A 356 14.56 4.48 8.69
CA ARG A 356 15.30 4.08 7.51
C ARG A 356 15.26 5.16 6.46
N LEU A 357 14.12 5.86 6.34
CA LEU A 357 14.03 6.90 5.34
C LEU A 357 14.96 8.05 5.68
N TYR A 358 14.91 8.49 6.96
CA TYR A 358 15.84 9.54 7.39
C TYR A 358 17.28 9.13 7.15
N ASP A 359 17.62 7.88 7.48
CA ASP A 359 18.99 7.44 7.23
C ASP A 359 19.34 7.51 5.76
N SER A 360 18.38 7.21 4.87
CA SER A 360 18.65 7.19 3.44
C SER A 360 18.84 8.57 2.85
N MET A 361 18.47 9.62 3.57
CA MET A 361 18.60 10.98 3.08
C MET A 361 19.44 11.88 3.98
N LYS A 362 19.69 11.51 5.24
CA LYS A 362 20.23 12.49 6.17
C LYS A 362 21.56 13.09 5.69
N GLY A 363 22.45 12.30 5.09
CA GLY A 363 23.80 12.72 4.81
C GLY A 363 24.05 13.00 3.34
N LYS A 364 25.33 12.94 2.96
CA LYS A 364 25.75 13.17 1.58
C LYS A 364 25.00 12.26 0.62
N GLY A 365 24.58 12.80 -0.51
CA GLY A 365 23.90 11.99 -1.46
C GLY A 365 22.63 11.39 -0.90
N THR A 366 22.20 10.28 -1.52
CA THR A 366 20.95 9.60 -1.19
C THR A 366 21.08 8.11 -1.41
N ARG A 367 20.74 7.30 -0.42
CA ARG A 367 20.68 5.87 -0.68
C ARG A 367 19.34 5.59 -1.37
N ASP A 368 19.38 5.78 -2.69
CA ASP A 368 18.15 5.82 -3.48
C ASP A 368 17.42 4.49 -3.44
N LYS A 369 18.13 3.36 -3.37
CA LYS A 369 17.42 2.09 -3.37
C LYS A 369 16.54 1.95 -2.14
N VAL A 370 17.01 2.40 -0.97
CA VAL A 370 16.19 2.25 0.22
C VAL A 370 15.03 3.22 0.18
N LEU A 371 15.25 4.42 -0.34
CA LEU A 371 14.19 5.43 -0.40
C LEU A 371 13.06 4.97 -1.33
N ILE A 372 13.39 4.69 -2.59
CA ILE A 372 12.42 4.22 -3.58
C ILE A 372 11.65 3.02 -3.04
N ARG A 373 12.37 1.99 -2.60
CA ARG A 373 11.73 0.76 -2.11
C ARG A 373 10.67 1.06 -1.06
N ILE A 374 10.99 1.93 -0.10
CA ILE A 374 10.03 2.19 0.97
C ILE A 374 8.84 2.96 0.45
N MET A 375 9.10 4.00 -0.34
CA MET A 375 8.00 4.78 -0.91
C MET A 375 7.06 3.90 -1.75
N VAL A 376 7.64 2.96 -2.52
CA VAL A 376 6.78 2.10 -3.34
C VAL A 376 6.03 1.10 -2.46
N SER A 377 6.76 0.36 -1.62
CA SER A 377 6.20 -0.78 -0.91
C SER A 377 5.39 -0.41 0.31
N ARG A 378 5.45 0.82 0.79
CA ARG A 378 4.68 1.20 1.96
C ARG A 378 3.61 2.22 1.65
N SER A 379 3.58 2.76 0.42
CA SER A 379 2.59 3.77 0.08
C SER A 379 1.15 3.27 0.23
N GLU A 380 0.89 1.98 0.02
CA GLU A 380 -0.46 1.46 0.20
C GLU A 380 -0.61 0.68 1.51
N VAL A 381 0.38 0.70 2.38
CA VAL A 381 0.28 0.00 3.64
C VAL A 381 0.18 0.99 4.79
N ASP A 382 1.24 1.72 5.09
CA ASP A 382 1.23 2.46 6.33
C ASP A 382 1.95 3.81 6.19
N MET A 383 2.06 4.29 4.95
CA MET A 383 2.76 5.54 4.70
C MET A 383 2.29 6.68 5.61
N LEU A 384 0.97 6.81 5.84
CA LEU A 384 0.48 7.86 6.74
C LEU A 384 1.01 7.68 8.16
N LYS A 385 1.12 6.44 8.64
CA LYS A 385 1.71 6.28 9.96
C LYS A 385 3.19 6.62 9.93
N ILE A 386 3.85 6.34 8.80
CA ILE A 386 5.27 6.63 8.66
C ILE A 386 5.50 8.14 8.71
N ARG A 387 4.67 8.92 7.99
CA ARG A 387 4.82 10.36 8.00
C ARG A 387 4.58 10.94 9.38
N SER A 388 3.61 10.39 10.11
CA SER A 388 3.31 10.90 11.43
C SER A 388 4.47 10.65 12.39
N GLU A 389 5.08 9.47 12.33
CA GLU A 389 6.25 9.21 13.15
C GLU A 389 7.43 10.06 12.71
N PHE A 390 7.61 10.26 11.40
CA PHE A 390 8.71 11.06 10.90
C PHE A 390 8.62 12.49 11.42
N LYS A 391 7.44 13.12 11.26
CA LYS A 391 7.32 14.51 11.70
C LYS A 391 7.50 14.64 13.21
N ARG A 392 6.89 13.72 13.98
CA ARG A 392 7.02 13.76 15.44
C ARG A 392 8.48 13.71 15.86
N LYS A 393 9.26 12.78 15.28
CA LYS A 393 10.63 12.64 15.70
C LYS A 393 11.53 13.73 15.11
N TYR A 394 11.47 13.94 13.79
CA TYR A 394 12.46 14.79 13.12
C TYR A 394 11.99 16.23 12.95
N GLY A 395 10.76 16.57 13.32
CA GLY A 395 10.37 17.97 13.33
C GLY A 395 10.06 18.57 11.98
N LYS A 396 10.46 17.95 10.88
CA LYS A 396 10.04 18.38 9.57
C LYS A 396 9.47 17.15 8.86
N SER A 397 8.72 17.40 7.79
CA SER A 397 7.97 16.31 7.20
C SER A 397 8.87 15.40 6.36
N LEU A 398 8.35 14.21 6.06
CA LEU A 398 8.95 13.34 5.06
C LEU A 398 8.99 14.03 3.69
N TYR A 399 7.88 14.66 3.29
CA TYR A 399 7.82 15.45 2.07
C TYR A 399 9.01 16.39 1.96
N TYR A 400 9.35 17.04 3.07
CA TYR A 400 10.43 18.04 3.05
C TYR A 400 11.77 17.39 2.79
N TYR A 401 12.04 16.24 3.41
CA TYR A 401 13.34 15.62 3.18
C TYR A 401 13.45 15.10 1.77
N ILE A 402 12.39 14.48 1.26
CA ILE A 402 12.37 14.06 -0.12
C ILE A 402 12.63 15.26 -1.02
N GLN A 403 12.02 16.40 -0.66
CA GLN A 403 12.19 17.61 -1.45
C GLN A 403 13.65 18.08 -1.43
N GLN A 404 14.32 17.98 -0.28
CA GLN A 404 15.68 18.47 -0.21
C GLN A 404 16.68 17.49 -0.80
N ASP A 405 16.36 16.20 -0.90
CA ASP A 405 17.36 15.27 -1.42
C ASP A 405 17.17 14.84 -2.86
N THR A 406 15.98 15.00 -3.44
CA THR A 406 15.73 14.49 -4.78
C THR A 406 15.24 15.62 -5.68
N LYS A 407 15.38 15.42 -6.99
CA LYS A 407 15.09 16.45 -7.98
C LYS A 407 14.26 15.87 -9.10
N GLY A 408 13.74 16.77 -9.95
CA GLY A 408 13.07 16.41 -11.19
C GLY A 408 11.75 15.65 -11.03
N ASP A 409 11.32 15.05 -12.15
CA ASP A 409 10.15 14.19 -12.14
C ASP A 409 10.27 13.07 -11.11
N TYR A 410 11.48 12.56 -10.89
CA TYR A 410 11.72 11.58 -9.84
C TYR A 410 11.28 12.12 -8.47
N GLN A 411 11.63 13.37 -8.18
CA GLN A 411 11.22 14.00 -6.92
C GLN A 411 9.71 14.04 -6.83
N LYS A 412 9.05 14.58 -7.85
CA LYS A 412 7.59 14.70 -7.81
C LYS A 412 6.90 13.34 -7.69
N ALA A 413 7.50 12.30 -8.26
CA ALA A 413 6.97 10.95 -8.08
C ALA A 413 7.04 10.52 -6.62
N LEU A 414 8.20 10.71 -5.97
CA LEU A 414 8.29 10.34 -4.57
C LEU A 414 7.34 11.18 -3.72
N LEU A 415 7.17 12.46 -4.09
CA LEU A 415 6.28 13.33 -3.33
C LEU A 415 4.83 12.87 -3.43
N TYR A 416 4.41 12.41 -4.60
CA TYR A 416 3.06 11.87 -4.71
C TYR A 416 2.90 10.62 -3.85
N LEU A 417 3.83 9.66 -3.94
CA LEU A 417 3.72 8.46 -3.12
C LEU A 417 3.76 8.82 -1.65
N CYS A 418 4.43 9.92 -1.31
CA CYS A 418 4.38 10.38 0.06
C CYS A 418 2.95 10.77 0.42
N GLY A 419 2.23 11.43 -0.49
CA GLY A 419 0.86 11.80 -0.28
C GLY A 419 0.63 13.26 0.05
N GLY A 420 1.65 13.97 0.50
CA GLY A 420 1.43 15.34 0.92
C GLY A 420 2.38 15.70 2.05
N ASP A 421 2.35 16.99 2.40
CA ASP A 421 3.17 17.54 3.45
C ASP A 421 2.58 17.25 4.83
N ASP A 422 3.33 17.62 5.86
CA ASP A 422 2.87 17.53 7.25
C ASP A 422 3.41 18.67 8.11
N SER B 5 -24.39 16.44 -20.81
CA SER B 5 -23.94 15.29 -20.03
C SER B 5 -24.52 15.35 -18.64
N GLU B 6 -24.27 16.45 -17.96
CA GLU B 6 -24.87 16.69 -16.66
C GLU B 6 -26.25 17.28 -16.87
N THR B 7 -27.22 16.84 -16.05
CA THR B 7 -28.58 17.32 -16.20
C THR B 7 -29.27 17.49 -14.86
N VAL B 9 -32.00 17.92 -12.11
CA VAL B 9 -33.20 17.14 -11.90
C VAL B 9 -33.86 17.49 -10.55
#